data_2L46
#
_entry.id   2L46
#
loop_
_entity.id
_entity.type
_entity.pdbx_description
1 polymer 'C-TERMINAL ZINC KNUCLE OF THE HIV-NCP7'
2 polymer "DNA (5'-D(P*TP*AP*CP*GP*CP*C)-3')"
3 non-polymer 'ZINC ION'
#
loop_
_entity_poly.entity_id
_entity_poly.type
_entity_poly.pdbx_seq_one_letter_code
_entity_poly.pdbx_strand_id
1 'polypeptide(L)' KGCWKCGKEGHQMKDCTER A
2 'polydeoxyribonucleotide' (DT)(DA)(DC)(DG)(DC)(DC) B
#
# COMPACT_ATOMS: atom_id res chain seq x y z
N LYS A 1 0.83 -7.47 6.90
CA LYS A 1 0.37 -6.35 7.74
C LYS A 1 0.81 -5.01 7.13
N GLY A 2 -0.05 -4.38 6.33
CA GLY A 2 0.19 -3.10 5.63
C GLY A 2 -0.05 -3.16 4.11
N CYS A 3 0.60 -2.23 3.39
CA CYS A 3 0.68 -2.21 1.93
C CYS A 3 1.70 -3.22 1.42
N TRP A 4 1.30 -3.98 0.41
CA TRP A 4 2.15 -5.01 -0.21
C TRP A 4 3.00 -4.40 -1.33
N LYS A 5 2.54 -3.31 -1.95
CA LYS A 5 3.10 -2.73 -3.17
C LYS A 5 4.44 -2.06 -2.93
N CYS A 6 4.40 -1.08 -2.04
CA CYS A 6 5.50 -0.21 -1.67
C CYS A 6 6.15 -0.66 -0.35
N GLY A 7 5.29 -1.06 0.60
CA GLY A 7 5.62 -1.46 1.97
C GLY A 7 5.15 -0.46 3.05
N LYS A 8 4.21 0.43 2.72
CA LYS A 8 3.67 1.49 3.59
C LYS A 8 2.34 1.15 4.19
N GLU A 9 2.36 0.86 5.49
CA GLU A 9 1.13 0.59 6.23
C GLU A 9 0.18 1.79 6.25
N GLY A 10 -1.09 1.52 6.50
CA GLY A 10 -2.19 2.49 6.45
C GLY A 10 -3.07 2.36 5.19
N HIS A 11 -2.63 1.57 4.21
CA HIS A 11 -3.30 1.31 2.94
C HIS A 11 -2.94 -0.07 2.36
N GLN A 12 -3.28 -0.34 1.09
CA GLN A 12 -2.86 -1.58 0.41
C GLN A 12 -2.64 -1.49 -1.10
N MET A 13 -3.56 -0.87 -1.86
CA MET A 13 -3.49 -0.76 -3.33
C MET A 13 -4.18 0.51 -3.83
N LYS A 14 -5.51 0.65 -3.62
CA LYS A 14 -6.33 1.85 -3.97
C LYS A 14 -5.58 3.17 -3.79
N ASP A 15 -4.98 3.19 -2.62
CA ASP A 15 -4.61 4.29 -1.77
C ASP A 15 -3.08 4.41 -1.71
N CYS A 16 -2.38 3.40 -2.22
CA CYS A 16 -0.97 3.51 -2.51
C CYS A 16 -0.76 4.55 -3.63
N THR A 17 0.48 4.96 -3.86
CA THR A 17 0.84 5.73 -5.06
C THR A 17 1.15 4.81 -6.24
N GLU A 18 1.10 3.48 -6.05
CA GLU A 18 1.47 2.46 -7.03
C GLU A 18 0.60 1.19 -6.92
N ARG A 19 -0.22 0.93 -7.95
CA ARG A 19 -0.99 -0.34 -8.20
C ARG A 19 -1.81 -0.86 -7.00
N LYS A 1 -1.02 -7.26 6.68
CA LYS A 1 -0.58 -6.35 7.77
C LYS A 1 -0.38 -4.89 7.33
N GLY A 2 0.08 -4.62 6.09
CA GLY A 2 0.29 -3.28 5.52
C GLY A 2 0.19 -3.25 3.98
N CYS A 3 0.70 -2.19 3.33
CA CYS A 3 0.86 -2.13 1.87
C CYS A 3 1.84 -3.21 1.38
N TRP A 4 1.45 -3.86 0.28
CA TRP A 4 2.24 -4.88 -0.40
C TRP A 4 3.04 -4.30 -1.57
N LYS A 5 2.66 -3.11 -2.04
CA LYS A 5 3.31 -2.39 -3.14
C LYS A 5 4.63 -1.80 -2.69
N CYS A 6 4.53 -0.78 -1.85
CA CYS A 6 5.64 0.05 -1.39
C CYS A 6 6.18 -0.39 -0.02
N GLY A 7 5.34 -1.03 0.79
CA GLY A 7 5.68 -1.47 2.16
C GLY A 7 5.30 -0.49 3.26
N LYS A 8 4.35 0.40 2.96
CA LYS A 8 3.80 1.44 3.83
C LYS A 8 2.45 1.10 4.43
N GLU A 9 2.46 0.90 5.74
CA GLU A 9 1.27 0.64 6.50
C GLU A 9 0.25 1.78 6.44
N GLY A 10 -0.98 1.43 6.78
CA GLY A 10 -2.15 2.30 6.72
C GLY A 10 -3.01 2.05 5.47
N HIS A 11 -2.41 1.55 4.38
CA HIS A 11 -3.08 1.26 3.11
C HIS A 11 -2.73 -0.14 2.53
N GLN A 12 -3.08 -0.41 1.26
CA GLN A 12 -2.80 -1.67 0.57
C GLN A 12 -2.47 -1.50 -0.92
N MET A 13 -3.42 -0.99 -1.72
CA MET A 13 -3.23 -0.68 -3.15
C MET A 13 -4.10 0.50 -3.58
N LYS A 14 -5.39 0.53 -3.21
CA LYS A 14 -6.36 1.62 -3.50
C LYS A 14 -5.74 3.01 -3.41
N ASP A 15 -5.04 3.17 -2.30
CA ASP A 15 -4.62 4.42 -1.72
C ASP A 15 -3.15 4.70 -2.02
N CYS A 16 -2.43 3.66 -2.47
CA CYS A 16 -1.02 3.73 -2.74
C CYS A 16 -0.81 4.55 -4.03
N THR A 17 0.41 5.02 -4.30
CA THR A 17 0.79 5.64 -5.58
C THR A 17 0.99 4.59 -6.71
N GLU A 18 0.72 3.31 -6.42
CA GLU A 18 1.11 2.13 -7.21
C GLU A 18 -0.04 1.10 -7.36
N ARG A 19 -0.34 0.77 -8.63
CA ARG A 19 -1.16 -0.34 -9.21
C ARG A 19 -1.35 -1.62 -8.38
N LYS A 1 1.18 -6.91 8.58
CA LYS A 1 0.01 -6.56 7.73
C LYS A 1 0.07 -5.09 7.32
N GLY A 2 0.12 -4.79 6.03
CA GLY A 2 0.22 -3.43 5.48
C GLY A 2 0.14 -3.39 3.95
N CYS A 3 0.61 -2.29 3.33
CA CYS A 3 0.81 -2.18 1.89
C CYS A 3 1.82 -3.20 1.36
N TRP A 4 1.39 -3.92 0.33
CA TRP A 4 2.18 -4.90 -0.40
C TRP A 4 2.99 -4.26 -1.53
N LYS A 5 2.55 -3.08 -2.01
CA LYS A 5 3.19 -2.38 -3.13
C LYS A 5 4.54 -1.82 -2.73
N CYS A 6 4.49 -0.89 -1.78
CA CYS A 6 5.59 -0.01 -1.40
C CYS A 6 6.16 -0.29 0.00
N GLY A 7 5.40 -0.97 0.86
CA GLY A 7 5.79 -1.27 2.24
C GLY A 7 5.46 -0.16 3.23
N LYS A 8 4.24 0.38 3.11
CA LYS A 8 3.67 1.48 3.88
C LYS A 8 2.30 1.13 4.42
N GLU A 9 2.29 0.75 5.69
CA GLU A 9 1.07 0.49 6.42
C GLU A 9 0.09 1.69 6.44
N GLY A 10 -1.16 1.40 6.75
CA GLY A 10 -2.25 2.36 6.71
C GLY A 10 -3.04 2.35 5.39
N HIS A 11 -2.51 1.72 4.34
CA HIS A 11 -3.16 1.50 3.04
C HIS A 11 -2.75 0.15 2.42
N GLN A 12 -3.17 -0.13 1.17
CA GLN A 12 -2.75 -1.34 0.46
C GLN A 12 -2.47 -1.12 -1.04
N MET A 13 -3.51 -0.95 -1.87
CA MET A 13 -3.35 -0.64 -3.30
C MET A 13 -4.17 0.58 -3.70
N LYS A 14 -5.41 0.71 -3.23
CA LYS A 14 -6.33 1.83 -3.50
C LYS A 14 -5.65 3.20 -3.48
N ASP A 15 -4.94 3.33 -2.38
CA ASP A 15 -4.48 4.54 -1.72
C ASP A 15 -2.96 4.61 -1.72
N CYS A 16 -2.33 3.57 -2.25
CA CYS A 16 -0.94 3.59 -2.61
C CYS A 16 -0.77 4.49 -3.86
N THR A 17 0.46 4.85 -4.17
CA THR A 17 0.79 5.50 -5.46
C THR A 17 0.97 4.45 -6.58
N GLU A 18 0.73 3.15 -6.29
CA GLU A 18 1.03 2.01 -7.14
C GLU A 18 -0.15 1.01 -7.35
N ARG A 19 -0.21 0.47 -8.57
CA ARG A 19 -1.08 -0.58 -9.19
C ARG A 19 -1.25 -1.92 -8.47
N LYS A 1 1.32 -7.13 7.94
CA LYS A 1 0.03 -6.41 7.88
C LYS A 1 0.25 -4.96 7.43
N GLY A 2 -0.01 -4.65 6.16
CA GLY A 2 0.20 -3.30 5.59
C GLY A 2 0.11 -3.27 4.06
N CYS A 3 0.66 -2.23 3.42
CA CYS A 3 0.81 -2.15 1.97
C CYS A 3 1.82 -3.17 1.44
N TRP A 4 1.42 -3.82 0.35
CA TRP A 4 2.20 -4.84 -0.37
C TRP A 4 3.00 -4.21 -1.51
N LYS A 5 2.48 -3.13 -2.11
CA LYS A 5 3.07 -2.43 -3.26
C LYS A 5 4.45 -1.87 -2.93
N CYS A 6 4.48 -1.10 -1.84
CA CYS A 6 5.58 -0.23 -1.43
C CYS A 6 6.20 -0.69 -0.09
N GLY A 7 5.34 -1.01 0.88
CA GLY A 7 5.71 -1.36 2.27
C GLY A 7 5.39 -0.27 3.29
N LYS A 8 4.26 0.41 3.09
CA LYS A 8 3.70 1.46 3.96
C LYS A 8 2.35 1.09 4.51
N GLU A 9 2.36 0.77 5.79
CA GLU A 9 1.15 0.47 6.53
C GLU A 9 0.16 1.64 6.53
N GLY A 10 -1.10 1.32 6.78
CA GLY A 10 -2.21 2.27 6.77
C GLY A 10 -3.03 2.27 5.47
N HIS A 11 -2.47 1.71 4.39
CA HIS A 11 -3.12 1.49 3.09
C HIS A 11 -2.71 0.13 2.46
N GLN A 12 -3.10 -0.14 1.20
CA GLN A 12 -2.66 -1.36 0.50
C GLN A 12 -2.48 -1.28 -1.02
N MET A 13 -3.48 -0.83 -1.79
CA MET A 13 -3.38 -0.69 -3.26
C MET A 13 -4.16 0.52 -3.76
N LYS A 14 -5.47 0.61 -3.45
CA LYS A 14 -6.35 1.78 -3.74
C LYS A 14 -5.63 3.12 -3.66
N ASP A 15 -4.94 3.21 -2.54
CA ASP A 15 -4.55 4.38 -1.79
C ASP A 15 -3.02 4.52 -1.78
N CYS A 16 -2.34 3.46 -2.22
CA CYS A 16 -0.95 3.51 -2.61
C CYS A 16 -0.86 4.38 -3.88
N THR A 17 0.34 4.84 -4.21
CA THR A 17 0.61 5.53 -5.49
C THR A 17 0.81 4.53 -6.65
N GLU A 18 0.85 3.23 -6.36
CA GLU A 18 1.24 2.16 -7.29
C GLU A 18 0.12 1.11 -7.49
N ARG A 19 -0.25 0.87 -8.75
CA ARG A 19 -1.08 -0.24 -9.31
C ARG A 19 -1.55 -1.36 -8.36
N LYS A 1 -0.52 -6.43 8.20
CA LYS A 1 -1.19 -6.39 6.87
C LYS A 1 -1.07 -5.00 6.22
N GLY A 2 0.15 -4.44 6.18
CA GLY A 2 0.45 -3.16 5.50
C GLY A 2 0.54 -3.27 3.98
N CYS A 3 0.86 -2.17 3.29
CA CYS A 3 1.03 -2.13 1.84
C CYS A 3 2.07 -3.14 1.36
N TRP A 4 1.76 -3.76 0.23
CA TRP A 4 2.64 -4.69 -0.49
C TRP A 4 3.37 -3.98 -1.63
N LYS A 5 2.83 -2.87 -2.12
CA LYS A 5 3.33 -2.16 -3.30
C LYS A 5 4.63 -1.43 -3.01
N CYS A 6 4.57 -0.64 -1.95
CA CYS A 6 5.62 0.24 -1.44
C CYS A 6 6.19 -0.26 -0.10
N GLY A 7 5.33 -0.87 0.74
CA GLY A 7 5.68 -1.36 2.09
C GLY A 7 5.13 -0.50 3.24
N LYS A 8 4.33 0.53 2.93
CA LYS A 8 3.75 1.50 3.87
C LYS A 8 2.41 1.06 4.42
N GLU A 9 2.40 0.80 5.72
CA GLU A 9 1.19 0.45 6.43
C GLU A 9 0.13 1.57 6.44
N GLY A 10 -1.08 1.25 6.89
CA GLY A 10 -2.21 2.17 6.90
C GLY A 10 -3.01 2.18 5.57
N HIS A 11 -2.43 1.62 4.51
CA HIS A 11 -3.04 1.42 3.19
C HIS A 11 -2.57 0.09 2.55
N GLN A 12 -2.97 -0.16 1.29
CA GLN A 12 -2.60 -1.38 0.57
C GLN A 12 -2.46 -1.27 -0.96
N MET A 13 -3.38 -0.63 -1.67
CA MET A 13 -3.36 -0.36 -3.13
C MET A 13 -4.26 0.81 -3.53
N LYS A 14 -5.49 0.86 -2.97
CA LYS A 14 -6.54 1.90 -3.15
C LYS A 14 -6.05 3.34 -3.02
N ASP A 15 -5.10 3.42 -2.11
CA ASP A 15 -4.61 4.57 -1.40
C ASP A 15 -3.08 4.69 -1.55
N CYS A 16 -2.48 3.65 -2.13
CA CYS A 16 -1.09 3.65 -2.55
C CYS A 16 -0.95 4.46 -3.86
N THR A 17 0.28 4.59 -4.32
CA THR A 17 0.64 5.23 -5.59
C THR A 17 0.93 4.21 -6.71
N GLU A 18 0.62 2.93 -6.49
CA GLU A 18 1.09 1.77 -7.27
C GLU A 18 0.01 0.64 -7.39
N ARG A 19 -0.07 0.00 -8.56
CA ARG A 19 -0.77 -1.26 -8.93
C ARG A 19 -0.68 -2.44 -7.95
N LYS A 1 0.90 -6.99 7.67
CA LYS A 1 -0.28 -6.10 7.88
C LYS A 1 0.05 -4.69 7.37
N GLY A 2 -0.18 -4.41 6.09
CA GLY A 2 0.17 -3.14 5.44
C GLY A 2 0.05 -3.20 3.92
N CYS A 3 0.62 -2.21 3.20
CA CYS A 3 0.80 -2.25 1.76
C CYS A 3 1.84 -3.31 1.38
N TRP A 4 1.55 -4.00 0.28
CA TRP A 4 2.43 -5.01 -0.30
C TRP A 4 3.19 -4.42 -1.50
N LYS A 5 2.65 -3.35 -2.11
CA LYS A 5 3.16 -2.77 -3.37
C LYS A 5 4.45 -2.02 -3.11
N CYS A 6 4.34 -0.98 -2.29
CA CYS A 6 5.40 -0.09 -1.87
C CYS A 6 6.06 -0.55 -0.55
N GLY A 7 5.23 -0.97 0.42
CA GLY A 7 5.62 -1.34 1.78
C GLY A 7 5.17 -0.35 2.87
N LYS A 8 4.18 0.51 2.57
CA LYS A 8 3.59 1.49 3.49
C LYS A 8 2.32 1.01 4.18
N GLU A 9 2.38 0.92 5.49
CA GLU A 9 1.22 0.58 6.30
C GLU A 9 0.16 1.69 6.32
N GLY A 10 -1.08 1.35 6.69
CA GLY A 10 -2.23 2.26 6.69
C GLY A 10 -3.09 2.19 5.40
N HIS A 11 -2.54 1.62 4.33
CA HIS A 11 -3.23 1.34 3.07
C HIS A 11 -2.79 -0.02 2.48
N GLN A 12 -3.16 -0.31 1.23
CA GLN A 12 -2.74 -1.53 0.53
C GLN A 12 -2.59 -1.45 -0.99
N MET A 13 -3.51 -0.81 -1.73
CA MET A 13 -3.45 -0.60 -3.19
C MET A 13 -4.29 0.60 -3.63
N LYS A 14 -5.56 0.65 -3.20
CA LYS A 14 -6.54 1.72 -3.50
C LYS A 14 -6.06 3.14 -3.24
N ASP A 15 -5.23 3.19 -2.23
CA ASP A 15 -4.76 4.38 -1.56
C ASP A 15 -3.23 4.53 -1.70
N CYS A 16 -2.59 3.54 -2.33
CA CYS A 16 -1.18 3.55 -2.60
C CYS A 16 -0.86 4.56 -3.73
N THR A 17 0.42 4.80 -3.93
CA THR A 17 0.94 5.60 -5.04
C THR A 17 1.21 4.73 -6.28
N GLU A 18 1.20 3.39 -6.15
CA GLU A 18 1.67 2.46 -7.18
C GLU A 18 0.94 1.08 -7.10
N ARG A 19 0.10 0.76 -8.10
CA ARG A 19 -0.59 -0.55 -8.30
C ARG A 19 -1.49 -1.06 -7.15
N LYS A 1 -2.23 -6.21 7.56
CA LYS A 1 -0.80 -6.03 7.91
C LYS A 1 -0.29 -4.65 7.46
N GLY A 2 -0.24 -4.40 6.15
CA GLY A 2 0.21 -3.17 5.50
C GLY A 2 0.13 -3.25 3.96
N CYS A 3 0.70 -2.27 3.26
CA CYS A 3 0.84 -2.26 1.80
C CYS A 3 1.84 -3.31 1.34
N TRP A 4 1.53 -3.91 0.20
CA TRP A 4 2.32 -4.94 -0.47
C TRP A 4 3.06 -4.38 -1.70
N LYS A 5 2.65 -3.19 -2.16
CA LYS A 5 3.14 -2.57 -3.39
C LYS A 5 4.42 -1.79 -3.11
N CYS A 6 4.29 -0.73 -2.30
CA CYS A 6 5.38 0.13 -1.86
C CYS A 6 6.02 -0.34 -0.54
N GLY A 7 5.21 -0.97 0.34
CA GLY A 7 5.60 -1.36 1.70
C GLY A 7 5.32 -0.29 2.76
N LYS A 8 4.28 0.53 2.56
CA LYS A 8 3.78 1.56 3.48
C LYS A 8 2.47 1.17 4.11
N GLU A 9 2.52 0.94 5.41
CA GLU A 9 1.36 0.53 6.17
C GLU A 9 0.31 1.64 6.27
N GLY A 10 -0.87 1.24 6.73
CA GLY A 10 -2.05 2.10 6.83
C GLY A 10 -2.95 2.08 5.57
N HIS A 11 -2.47 1.50 4.47
CA HIS A 11 -3.18 1.28 3.20
C HIS A 11 -2.78 -0.06 2.55
N GLN A 12 -3.22 -0.33 1.32
CA GLN A 12 -2.86 -1.54 0.58
C GLN A 12 -2.59 -1.32 -0.92
N MET A 13 -3.59 -0.88 -1.71
CA MET A 13 -3.44 -0.64 -3.16
C MET A 13 -4.30 0.56 -3.63
N LYS A 14 -5.54 0.61 -3.15
CA LYS A 14 -6.55 1.67 -3.37
C LYS A 14 -5.98 3.07 -3.22
N ASP A 15 -5.24 3.18 -2.14
CA ASP A 15 -4.76 4.39 -1.52
C ASP A 15 -3.27 4.61 -1.82
N CYS A 16 -2.62 3.54 -2.29
CA CYS A 16 -1.21 3.55 -2.62
C CYS A 16 -0.98 4.40 -3.88
N THR A 17 0.26 4.81 -4.07
CA THR A 17 0.70 5.62 -5.21
C THR A 17 1.16 4.72 -6.39
N GLU A 18 1.28 3.42 -6.16
CA GLU A 18 1.69 2.42 -7.16
C GLU A 18 0.91 1.10 -7.03
N ARG A 19 0.31 0.64 -8.13
CA ARG A 19 -0.19 -0.73 -8.38
C ARG A 19 -1.10 -1.39 -7.31
N LYS A 1 0.03 -6.79 7.63
CA LYS A 1 -1.25 -6.09 7.34
C LYS A 1 -0.98 -4.63 6.90
N GLY A 2 -0.04 -4.42 5.96
CA GLY A 2 0.33 -3.12 5.38
C GLY A 2 0.23 -3.12 3.85
N CYS A 3 0.78 -2.11 3.17
CA CYS A 3 0.93 -2.11 1.72
C CYS A 3 1.94 -3.15 1.29
N TRP A 4 1.57 -3.91 0.25
CA TRP A 4 2.43 -4.91 -0.38
C TRP A 4 3.14 -4.36 -1.62
N LYS A 5 2.71 -3.19 -2.12
CA LYS A 5 3.22 -2.59 -3.35
C LYS A 5 4.53 -1.86 -3.11
N CYS A 6 4.47 -0.90 -2.19
CA CYS A 6 5.55 -0.02 -1.80
C CYS A 6 6.15 -0.37 -0.43
N GLY A 7 5.36 -0.96 0.47
CA GLY A 7 5.77 -1.32 1.84
C GLY A 7 5.38 -0.29 2.91
N LYS A 8 4.39 0.55 2.63
CA LYS A 8 3.85 1.60 3.51
C LYS A 8 2.52 1.23 4.14
N GLU A 9 2.53 1.09 5.44
CA GLU A 9 1.35 0.71 6.19
C GLU A 9 0.29 1.82 6.24
N GLY A 10 -0.90 1.46 6.71
CA GLY A 10 -2.09 2.29 6.73
C GLY A 10 -2.95 2.18 5.45
N HIS A 11 -2.44 1.45 4.45
CA HIS A 11 -3.08 1.18 3.16
C HIS A 11 -2.70 -0.21 2.58
N GLN A 12 -3.11 -0.50 1.34
CA GLN A 12 -2.84 -1.75 0.62
C GLN A 12 -2.58 -1.56 -0.90
N MET A 13 -3.50 -0.90 -1.62
CA MET A 13 -3.43 -0.63 -3.07
C MET A 13 -4.28 0.58 -3.48
N LYS A 14 -5.55 0.62 -3.01
CA LYS A 14 -6.54 1.69 -3.25
C LYS A 14 -5.97 3.08 -3.06
N ASP A 15 -5.26 3.18 -1.95
CA ASP A 15 -4.77 4.39 -1.35
C ASP A 15 -3.30 4.63 -1.70
N CYS A 16 -2.65 3.57 -2.20
CA CYS A 16 -1.26 3.56 -2.59
C CYS A 16 -1.05 4.50 -3.79
N THR A 17 0.21 4.84 -4.03
CA THR A 17 0.64 5.58 -5.22
C THR A 17 0.98 4.66 -6.39
N GLU A 18 1.11 3.34 -6.15
CA GLU A 18 1.52 2.35 -7.14
C GLU A 18 0.77 1.01 -6.98
N ARG A 19 0.07 0.57 -8.03
CA ARG A 19 -0.31 -0.85 -8.32
C ARG A 19 -1.23 -1.59 -7.33
N LYS A 1 0.07 -6.28 9.08
CA LYS A 1 -0.69 -6.14 7.83
C LYS A 1 -0.49 -4.73 7.26
N GLY A 2 -0.08 -4.61 5.99
CA GLY A 2 0.11 -3.32 5.31
C GLY A 2 0.13 -3.40 3.79
N CYS A 3 0.59 -2.33 3.13
CA CYS A 3 0.84 -2.27 1.69
C CYS A 3 1.88 -3.31 1.25
N TRP A 4 1.50 -4.05 0.22
CA TRP A 4 2.33 -5.05 -0.47
C TRP A 4 3.09 -4.43 -1.63
N LYS A 5 2.68 -3.23 -2.06
CA LYS A 5 3.20 -2.55 -3.24
C LYS A 5 4.48 -1.81 -2.90
N CYS A 6 4.38 -0.90 -1.92
CA CYS A 6 5.45 -0.02 -1.47
C CYS A 6 6.00 -0.31 -0.06
N GLY A 7 5.17 -0.88 0.83
CA GLY A 7 5.56 -1.25 2.21
C GLY A 7 5.03 -0.32 3.30
N LYS A 8 4.03 0.53 2.99
CA LYS A 8 3.33 1.46 3.89
C LYS A 8 2.08 0.87 4.48
N GLU A 9 2.15 0.59 5.77
CA GLU A 9 1.07 0.02 6.56
C GLU A 9 -0.20 0.84 6.67
N GLY A 10 -0.08 2.11 6.37
CA GLY A 10 -1.21 3.02 6.38
C GLY A 10 -2.30 2.73 5.33
N HIS A 11 -2.00 1.88 4.34
CA HIS A 11 -2.91 1.50 3.25
C HIS A 11 -2.64 0.07 2.73
N GLN A 12 -3.10 -0.28 1.51
CA GLN A 12 -2.78 -1.55 0.86
C GLN A 12 -2.54 -1.48 -0.65
N MET A 13 -3.55 -1.10 -1.45
CA MET A 13 -3.42 -0.98 -2.91
C MET A 13 -4.23 0.20 -3.43
N LYS A 14 -5.51 0.30 -3.05
CA LYS A 14 -6.44 1.41 -3.34
C LYS A 14 -5.78 2.79 -3.36
N ASP A 15 -5.04 2.98 -2.28
CA ASP A 15 -4.60 4.23 -1.69
C ASP A 15 -3.07 4.35 -1.80
N CYS A 16 -2.44 3.28 -2.29
CA CYS A 16 -1.06 3.32 -2.69
C CYS A 16 -0.97 4.18 -3.95
N THR A 17 0.11 4.93 -4.11
CA THR A 17 0.34 5.74 -5.33
C THR A 17 0.69 4.87 -6.56
N GLU A 18 0.85 3.56 -6.37
CA GLU A 18 1.27 2.59 -7.38
C GLU A 18 0.18 1.54 -7.70
N ARG A 19 0.14 1.13 -8.97
CA ARG A 19 -0.37 -0.18 -9.44
C ARG A 19 0.32 -1.31 -8.67
N LYS A 1 -1.45 -6.89 7.50
CA LYS A 1 -0.05 -6.46 7.76
C LYS A 1 0.21 -5.01 7.34
N GLY A 2 0.02 -4.65 6.07
CA GLY A 2 0.23 -3.29 5.53
C GLY A 2 0.21 -3.27 4.00
N CYS A 3 0.67 -2.17 3.37
CA CYS A 3 0.82 -2.10 1.92
C CYS A 3 1.83 -3.12 1.41
N TRP A 4 1.44 -3.78 0.32
CA TRP A 4 2.24 -4.77 -0.38
C TRP A 4 3.03 -4.15 -1.54
N LYS A 5 2.67 -2.95 -2.00
CA LYS A 5 3.26 -2.30 -3.18
C LYS A 5 4.55 -1.56 -2.88
N CYS A 6 4.53 -0.82 -1.78
CA CYS A 6 5.57 0.11 -1.35
C CYS A 6 6.11 -0.21 0.05
N GLY A 7 5.33 -0.96 0.85
CA GLY A 7 5.69 -1.38 2.20
C GLY A 7 5.21 -0.41 3.29
N LYS A 8 4.18 0.39 3.03
CA LYS A 8 3.60 1.41 3.91
C LYS A 8 2.26 1.01 4.48
N GLU A 9 2.30 0.62 5.74
CA GLU A 9 1.10 0.30 6.50
C GLU A 9 0.12 1.47 6.57
N GLY A 10 -1.15 1.15 6.75
CA GLY A 10 -2.25 2.11 6.74
C GLY A 10 -3.06 2.09 5.44
N HIS A 11 -2.50 1.52 4.37
CA HIS A 11 -3.12 1.34 3.06
C HIS A 11 -2.70 0.01 2.38
N GLN A 12 -3.03 -0.18 1.09
CA GLN A 12 -2.62 -1.33 0.29
C GLN A 12 -2.42 -1.08 -1.20
N MET A 13 -3.43 -0.59 -1.92
CA MET A 13 -3.37 -0.32 -3.38
C MET A 13 -4.30 0.82 -3.79
N LYS A 14 -5.52 0.88 -3.21
CA LYS A 14 -6.52 1.97 -3.32
C LYS A 14 -5.96 3.39 -3.19
N ASP A 15 -4.95 3.43 -2.34
CA ASP A 15 -4.51 4.59 -1.60
C ASP A 15 -2.99 4.74 -1.67
N CYS A 16 -2.35 3.72 -2.26
CA CYS A 16 -0.97 3.73 -2.64
C CYS A 16 -0.81 4.53 -3.95
N THR A 17 0.43 4.79 -4.34
CA THR A 17 0.75 5.38 -5.66
C THR A 17 0.89 4.32 -6.76
N GLU A 18 0.70 3.04 -6.43
CA GLU A 18 1.08 1.89 -7.26
C GLU A 18 -0.02 0.81 -7.41
N ARG A 19 -0.11 0.25 -8.63
CA ARG A 19 -0.93 -0.88 -9.17
C ARG A 19 -1.29 -1.98 -8.19
N LYS A 1 -1.75 -5.57 9.16
CA LYS A 1 -1.28 -5.77 7.75
C LYS A 1 -1.03 -4.42 7.07
N GLY A 2 -0.04 -4.33 6.18
CA GLY A 2 0.36 -3.11 5.47
C GLY A 2 0.13 -3.15 3.94
N CYS A 3 0.78 -2.22 3.24
CA CYS A 3 0.92 -2.21 1.77
C CYS A 3 1.90 -3.30 1.34
N TRP A 4 1.52 -3.99 0.26
CA TRP A 4 2.33 -5.01 -0.40
C TRP A 4 2.94 -4.48 -1.69
N LYS A 5 2.46 -3.34 -2.19
CA LYS A 5 2.96 -2.70 -3.42
C LYS A 5 4.27 -1.95 -3.16
N CYS A 6 4.21 -1.01 -2.21
CA CYS A 6 5.31 -0.11 -1.87
C CYS A 6 5.96 -0.41 -0.50
N GLY A 7 5.23 -1.03 0.43
CA GLY A 7 5.72 -1.29 1.79
C GLY A 7 5.39 -0.20 2.81
N LYS A 8 4.37 0.62 2.53
CA LYS A 8 3.83 1.67 3.39
C LYS A 8 2.54 1.27 4.07
N GLU A 9 2.64 1.14 5.39
CA GLU A 9 1.50 0.81 6.21
C GLU A 9 0.40 1.88 6.17
N GLY A 10 -0.79 1.50 6.61
CA GLY A 10 -1.98 2.34 6.61
C GLY A 10 -2.88 2.15 5.37
N HIS A 11 -2.39 1.46 4.33
CA HIS A 11 -3.10 1.13 3.09
C HIS A 11 -2.78 -0.28 2.55
N GLN A 12 -3.19 -0.61 1.31
CA GLN A 12 -2.89 -1.88 0.63
C GLN A 12 -2.56 -1.73 -0.86
N MET A 13 -3.49 -1.22 -1.69
CA MET A 13 -3.27 -0.94 -3.13
C MET A 13 -4.04 0.30 -3.58
N LYS A 14 -5.37 0.34 -3.33
CA LYS A 14 -6.30 1.47 -3.61
C LYS A 14 -5.65 2.84 -3.43
N ASP A 15 -5.08 2.93 -2.24
CA ASP A 15 -4.65 4.09 -1.49
C ASP A 15 -3.14 4.25 -1.58
N CYS A 16 -2.46 3.23 -2.12
CA CYS A 16 -1.09 3.34 -2.48
C CYS A 16 -0.95 4.38 -3.61
N THR A 17 0.27 4.85 -3.81
CA THR A 17 0.62 5.75 -4.92
C THR A 17 1.01 4.92 -6.15
N GLU A 18 1.21 3.61 -5.97
CA GLU A 18 1.53 2.65 -6.98
C GLU A 18 0.69 1.36 -6.86
N ARG A 19 -0.04 1.11 -7.95
CA ARG A 19 -0.53 -0.19 -8.42
C ARG A 19 -1.45 -1.07 -7.52
N LYS A 1 1.39 -7.38 7.59
CA LYS A 1 0.18 -6.53 7.59
C LYS A 1 0.54 -5.14 7.07
N GLY A 2 -0.29 -4.55 6.20
CA GLY A 2 -0.03 -3.22 5.58
C GLY A 2 0.01 -3.29 4.04
N CYS A 3 0.56 -2.26 3.39
CA CYS A 3 0.77 -2.23 1.93
C CYS A 3 1.74 -3.32 1.48
N TRP A 4 1.44 -3.86 0.29
CA TRP A 4 2.25 -4.87 -0.39
C TRP A 4 3.06 -4.25 -1.53
N LYS A 5 2.63 -3.07 -2.02
CA LYS A 5 3.16 -2.40 -3.22
C LYS A 5 4.47 -1.70 -2.93
N CYS A 6 4.47 -0.96 -1.84
CA CYS A 6 5.57 -0.13 -1.35
C CYS A 6 6.06 -0.53 0.06
N GLY A 7 5.24 -1.20 0.86
CA GLY A 7 5.60 -1.61 2.23
C GLY A 7 5.25 -0.58 3.31
N LYS A 8 4.33 0.35 2.99
CA LYS A 8 3.79 1.38 3.87
C LYS A 8 2.41 1.02 4.39
N GLU A 9 2.39 0.64 5.65
CA GLU A 9 1.16 0.50 6.40
C GLU A 9 0.28 1.76 6.36
N GLY A 10 -0.99 1.57 6.71
CA GLY A 10 -2.03 2.59 6.69
C GLY A 10 -2.92 2.51 5.44
N HIS A 11 -2.40 1.91 4.36
CA HIS A 11 -3.07 1.67 3.08
C HIS A 11 -2.75 0.27 2.51
N GLN A 12 -3.11 0.00 1.24
CA GLN A 12 -2.73 -1.24 0.56
C GLN A 12 -2.52 -1.18 -0.95
N MET A 13 -3.48 -0.65 -1.72
CA MET A 13 -3.42 -0.62 -3.19
C MET A 13 -4.20 0.58 -3.73
N LYS A 14 -5.52 0.63 -3.53
CA LYS A 14 -6.39 1.75 -3.96
C LYS A 14 -5.87 3.12 -3.51
N ASP A 15 -5.24 3.07 -2.35
CA ASP A 15 -4.74 4.12 -1.49
C ASP A 15 -3.21 4.28 -1.54
N CYS A 16 -2.52 3.39 -2.26
CA CYS A 16 -1.11 3.54 -2.58
C CYS A 16 -0.93 4.53 -3.76
N THR A 17 0.31 4.78 -4.16
CA THR A 17 0.65 5.57 -5.37
C THR A 17 0.85 4.66 -6.61
N GLU A 18 0.85 3.34 -6.39
CA GLU A 18 1.23 2.27 -7.31
C GLU A 18 0.02 1.34 -7.62
N ARG A 19 -0.02 0.70 -8.80
CA ARG A 19 -0.83 -0.54 -9.06
C ARG A 19 -0.56 -1.54 -7.95
N LYS A 1 0.06 -6.97 7.37
CA LYS A 1 -0.87 -5.96 7.92
C LYS A 1 -0.55 -4.53 7.43
N GLY A 2 -0.37 -4.36 6.11
CA GLY A 2 0.15 -3.13 5.48
C GLY A 2 0.23 -3.27 3.95
N CYS A 3 0.73 -2.24 3.26
CA CYS A 3 0.90 -2.25 1.81
C CYS A 3 1.94 -3.27 1.35
N TRP A 4 1.57 -3.99 0.29
CA TRP A 4 2.41 -4.96 -0.41
C TRP A 4 3.04 -4.38 -1.68
N LYS A 5 2.62 -3.18 -2.09
CA LYS A 5 2.98 -2.57 -3.38
C LYS A 5 4.23 -1.71 -3.27
N CYS A 6 4.21 -0.81 -2.30
CA CYS A 6 5.29 0.10 -1.96
C CYS A 6 5.99 -0.29 -0.66
N GLY A 7 5.26 -0.89 0.30
CA GLY A 7 5.77 -1.25 1.62
C GLY A 7 5.48 -0.22 2.71
N LYS A 8 4.32 0.45 2.64
CA LYS A 8 3.82 1.48 3.58
C LYS A 8 2.49 1.10 4.20
N GLU A 9 2.51 0.91 5.50
CA GLU A 9 1.34 0.47 6.25
C GLU A 9 0.23 1.52 6.27
N GLY A 10 -0.95 1.14 6.75
CA GLY A 10 -2.11 2.03 6.80
C GLY A 10 -2.95 2.09 5.51
N HIS A 11 -2.44 1.51 4.42
CA HIS A 11 -3.14 1.28 3.15
C HIS A 11 -2.78 -0.08 2.55
N GLN A 12 -3.19 -0.34 1.30
CA GLN A 12 -2.77 -1.50 0.53
C GLN A 12 -2.56 -1.16 -0.97
N MET A 13 -3.61 -1.01 -1.80
CA MET A 13 -3.49 -0.61 -3.21
C MET A 13 -4.34 0.62 -3.57
N LYS A 14 -5.56 0.67 -3.04
CA LYS A 14 -6.58 1.72 -3.26
C LYS A 14 -6.06 3.14 -3.09
N ASP A 15 -5.30 3.25 -2.01
CA ASP A 15 -4.78 4.45 -1.40
C ASP A 15 -3.29 4.61 -1.74
N CYS A 16 -2.68 3.53 -2.27
CA CYS A 16 -1.28 3.49 -2.68
C CYS A 16 -1.03 4.40 -3.88
N THR A 17 0.23 4.72 -4.11
CA THR A 17 0.69 5.57 -5.23
C THR A 17 1.17 4.73 -6.41
N GLU A 18 1.21 3.42 -6.27
CA GLU A 18 1.69 2.47 -7.23
C GLU A 18 0.97 1.12 -7.05
N ARG A 19 0.45 0.59 -8.17
CA ARG A 19 -0.02 -0.80 -8.38
C ARG A 19 -0.94 -1.46 -7.35
N LYS A 1 -0.27 -7.03 6.74
CA LYS A 1 -1.32 -6.04 7.13
C LYS A 1 -1.13 -4.66 6.47
N GLY A 2 0.09 -4.18 6.21
CA GLY A 2 0.38 -2.93 5.49
C GLY A 2 0.28 -3.05 3.96
N CYS A 3 0.78 -2.06 3.23
CA CYS A 3 0.92 -2.08 1.78
C CYS A 3 1.89 -3.17 1.32
N TRP A 4 1.49 -3.87 0.27
CA TRP A 4 2.28 -4.90 -0.40
C TRP A 4 3.01 -4.36 -1.62
N LYS A 5 2.60 -3.18 -2.11
CA LYS A 5 3.08 -2.60 -3.35
C LYS A 5 4.34 -1.76 -3.11
N CYS A 6 4.19 -0.70 -2.31
CA CYS A 6 5.24 0.22 -1.92
C CYS A 6 5.92 -0.16 -0.60
N GLY A 7 5.20 -0.84 0.29
CA GLY A 7 5.69 -1.26 1.62
C GLY A 7 5.28 -0.34 2.78
N LYS A 8 4.36 0.60 2.55
CA LYS A 8 3.82 1.58 3.51
C LYS A 8 2.56 1.12 4.20
N GLU A 9 2.64 0.98 5.51
CA GLU A 9 1.48 0.62 6.30
C GLU A 9 0.42 1.74 6.32
N GLY A 10 -0.80 1.39 6.75
CA GLY A 10 -1.95 2.29 6.77
C GLY A 10 -2.81 2.27 5.49
N HIS A 11 -2.40 1.49 4.48
CA HIS A 11 -3.13 1.22 3.24
C HIS A 11 -2.80 -0.16 2.64
N GLN A 12 -3.21 -0.45 1.39
CA GLN A 12 -2.86 -1.67 0.67
C GLN A 12 -2.62 -1.48 -0.83
N MET A 13 -3.62 -1.04 -1.61
CA MET A 13 -3.50 -0.80 -3.07
C MET A 13 -4.34 0.41 -3.52
N LYS A 14 -5.58 0.49 -3.02
CA LYS A 14 -6.56 1.57 -3.24
C LYS A 14 -5.98 2.97 -3.05
N ASP A 15 -5.24 3.05 -1.96
CA ASP A 15 -4.72 4.26 -1.38
C ASP A 15 -3.23 4.44 -1.70
N CYS A 16 -2.62 3.40 -2.26
CA CYS A 16 -1.22 3.38 -2.60
C CYS A 16 -0.97 4.32 -3.80
N THR A 17 0.29 4.71 -3.97
CA THR A 17 0.74 5.53 -5.10
C THR A 17 1.18 4.67 -6.29
N GLU A 18 1.18 3.35 -6.12
CA GLU A 18 1.66 2.38 -7.07
C GLU A 18 0.94 1.04 -6.94
N ARG A 19 0.37 0.58 -8.06
CA ARG A 19 -0.05 -0.81 -8.35
C ARG A 19 -0.95 -1.54 -7.34
N LYS A 1 0.43 -6.84 8.24
CA LYS A 1 -0.83 -6.20 7.79
C LYS A 1 -0.56 -4.77 7.33
N GLY A 2 -0.32 -4.55 6.04
CA GLY A 2 0.16 -3.27 5.47
C GLY A 2 0.05 -3.24 3.94
N CYS A 3 0.67 -2.24 3.29
CA CYS A 3 0.86 -2.21 1.85
C CYS A 3 1.87 -3.28 1.41
N TRP A 4 1.54 -3.91 0.28
CA TRP A 4 2.39 -4.90 -0.39
C TRP A 4 3.04 -4.32 -1.66
N LYS A 5 2.75 -3.06 -2.01
CA LYS A 5 3.18 -2.43 -3.27
C LYS A 5 4.47 -1.66 -3.06
N CYS A 6 4.38 -0.64 -2.19
CA CYS A 6 5.46 0.25 -1.76
C CYS A 6 6.10 -0.19 -0.43
N GLY A 7 5.33 -0.81 0.46
CA GLY A 7 5.75 -1.21 1.82
C GLY A 7 5.39 -0.20 2.92
N LYS A 8 4.35 0.61 2.69
CA LYS A 8 3.80 1.61 3.62
C LYS A 8 2.47 1.19 4.22
N GLU A 9 2.49 0.90 5.51
CA GLU A 9 1.32 0.46 6.23
C GLU A 9 0.27 1.56 6.38
N GLY A 10 -0.95 1.13 6.68
CA GLY A 10 -2.14 1.98 6.80
C GLY A 10 -3.04 1.96 5.56
N HIS A 11 -2.49 1.51 4.42
CA HIS A 11 -3.19 1.28 3.14
C HIS A 11 -2.79 -0.06 2.52
N GLN A 12 -3.17 -0.29 1.26
CA GLN A 12 -2.75 -1.47 0.49
C GLN A 12 -2.54 -1.21 -1.00
N MET A 13 -3.59 -0.85 -1.76
CA MET A 13 -3.50 -0.53 -3.19
C MET A 13 -4.38 0.67 -3.57
N LYS A 14 -5.59 0.78 -3.02
CA LYS A 14 -6.58 1.88 -3.17
C LYS A 14 -5.98 3.28 -3.04
N ASP A 15 -5.20 3.35 -1.97
CA ASP A 15 -4.69 4.55 -1.35
C ASP A 15 -3.19 4.71 -1.61
N CYS A 16 -2.59 3.66 -2.20
CA CYS A 16 -1.20 3.62 -2.58
C CYS A 16 -0.95 4.46 -3.84
N THR A 17 0.33 4.66 -4.16
CA THR A 17 0.80 5.41 -5.33
C THR A 17 1.22 4.49 -6.50
N GLU A 18 1.04 3.18 -6.37
CA GLU A 18 1.48 2.15 -7.32
C GLU A 18 0.44 1.00 -7.44
N ARG A 19 0.38 0.33 -8.60
CA ARG A 19 -0.32 -0.97 -8.84
C ARG A 19 -0.17 -1.88 -7.64
N LYS A 1 0.69 -7.55 6.96
CA LYS A 1 -0.10 -6.53 7.68
C LYS A 1 0.35 -5.11 7.29
N GLY A 2 -0.12 -4.61 6.14
CA GLY A 2 0.26 -3.31 5.55
C GLY A 2 0.26 -3.32 4.01
N CYS A 3 0.66 -2.23 3.35
CA CYS A 3 0.80 -2.15 1.89
C CYS A 3 1.79 -3.20 1.35
N TRP A 4 1.41 -3.80 0.23
CA TRP A 4 2.20 -4.82 -0.47
C TRP A 4 3.01 -4.23 -1.63
N LYS A 5 2.70 -2.99 -2.05
CA LYS A 5 3.35 -2.32 -3.17
C LYS A 5 4.66 -1.67 -2.75
N CYS A 6 4.53 -0.64 -1.92
CA CYS A 6 5.61 0.20 -1.43
C CYS A 6 6.14 -0.28 -0.06
N GLY A 7 5.28 -0.92 0.75
CA GLY A 7 5.61 -1.38 2.10
C GLY A 7 5.29 -0.35 3.19
N LYS A 8 4.25 0.45 2.97
CA LYS A 8 3.70 1.48 3.86
C LYS A 8 2.35 1.11 4.42
N GLU A 9 2.32 0.90 5.73
CA GLU A 9 1.09 0.58 6.41
C GLU A 9 0.05 1.71 6.38
N GLY A 10 -1.18 1.36 6.74
CA GLY A 10 -2.37 2.19 6.68
C GLY A 10 -3.18 1.99 5.38
N HIS A 11 -2.55 1.41 4.34
CA HIS A 11 -3.13 1.21 3.01
C HIS A 11 -2.71 -0.12 2.34
N GLN A 12 -3.08 -0.31 1.07
CA GLN A 12 -2.76 -1.49 0.25
C GLN A 12 -2.45 -1.16 -1.22
N MET A 13 -3.40 -0.56 -1.95
CA MET A 13 -3.31 -0.23 -3.38
C MET A 13 -4.19 0.97 -3.75
N LYS A 14 -5.45 1.00 -3.27
CA LYS A 14 -6.42 2.12 -3.38
C LYS A 14 -5.82 3.48 -3.08
N ASP A 15 -5.02 3.45 -2.03
CA ASP A 15 -4.51 4.57 -1.28
C ASP A 15 -2.98 4.64 -1.44
N CYS A 16 -2.42 3.74 -2.25
CA CYS A 16 -1.03 3.70 -2.65
C CYS A 16 -0.83 4.56 -3.91
N THR A 17 0.42 4.77 -4.32
CA THR A 17 0.78 5.36 -5.61
C THR A 17 0.98 4.30 -6.71
N GLU A 18 0.76 3.02 -6.39
CA GLU A 18 1.15 1.85 -7.18
C GLU A 18 0.01 0.79 -7.26
N ARG A 19 0.05 -0.02 -8.32
CA ARG A 19 -0.94 -1.01 -8.87
C ARG A 19 -1.61 -1.92 -7.85
N LYS A 1 -1.57 -6.61 7.75
CA LYS A 1 -0.15 -6.24 7.97
C LYS A 1 0.17 -4.82 7.52
N GLY A 2 -0.02 -4.50 6.23
CA GLY A 2 0.29 -3.20 5.61
C GLY A 2 0.22 -3.25 4.08
N CYS A 3 0.77 -2.24 3.39
CA CYS A 3 0.86 -2.17 1.93
C CYS A 3 1.82 -3.22 1.37
N TRP A 4 1.36 -3.93 0.34
CA TRP A 4 2.15 -4.93 -0.38
C TRP A 4 2.87 -4.32 -1.60
N LYS A 5 2.46 -3.13 -2.06
CA LYS A 5 3.09 -2.44 -3.18
C LYS A 5 4.45 -1.87 -2.79
N CYS A 6 4.39 -0.93 -1.84
CA CYS A 6 5.48 -0.05 -1.42
C CYS A 6 6.03 -0.36 -0.02
N GLY A 7 5.25 -1.06 0.81
CA GLY A 7 5.64 -1.47 2.17
C GLY A 7 5.20 -0.49 3.27
N LYS A 8 4.29 0.44 2.96
CA LYS A 8 3.75 1.48 3.85
C LYS A 8 2.40 1.11 4.43
N GLU A 9 2.40 0.90 5.73
CA GLU A 9 1.18 0.59 6.45
C GLU A 9 0.20 1.75 6.45
N GLY A 10 -1.07 1.43 6.69
CA GLY A 10 -2.18 2.35 6.64
C GLY A 10 -3.02 2.19 5.35
N HIS A 11 -2.50 1.48 4.34
CA HIS A 11 -3.11 1.23 3.04
C HIS A 11 -2.75 -0.14 2.44
N GLN A 12 -3.13 -0.41 1.18
CA GLN A 12 -2.79 -1.65 0.46
C GLN A 12 -2.49 -1.46 -1.04
N MET A 13 -3.45 -0.97 -1.84
CA MET A 13 -3.29 -0.69 -3.28
C MET A 13 -4.10 0.54 -3.71
N LYS A 14 -5.43 0.58 -3.45
CA LYS A 14 -6.36 1.73 -3.64
C LYS A 14 -5.73 3.11 -3.44
N ASP A 15 -4.92 3.17 -2.39
CA ASP A 15 -4.47 4.34 -1.67
C ASP A 15 -2.95 4.50 -1.78
N CYS A 16 -2.28 3.43 -2.22
CA CYS A 16 -0.88 3.46 -2.58
C CYS A 16 -0.76 4.25 -3.89
N THR A 17 0.38 4.86 -4.16
CA THR A 17 0.63 5.51 -5.47
C THR A 17 0.92 4.51 -6.59
N GLU A 18 0.98 3.23 -6.23
CA GLU A 18 1.26 2.14 -7.15
C GLU A 18 -0.02 1.36 -7.48
N ARG A 19 -0.16 1.00 -8.75
CA ARG A 19 -1.08 -0.01 -9.35
C ARG A 19 -0.98 -1.38 -8.69
N LYS A 1 -0.89 -6.22 8.94
CA LYS A 1 -0.97 -6.19 7.45
C LYS A 1 -0.76 -4.76 6.96
N GLY A 2 -0.30 -4.57 5.74
CA GLY A 2 0.01 -3.26 5.16
C GLY A 2 0.12 -3.28 3.64
N CYS A 3 0.63 -2.21 3.02
CA CYS A 3 0.90 -2.19 1.58
C CYS A 3 1.94 -3.24 1.18
N TRP A 4 1.53 -4.05 0.21
CA TRP A 4 2.35 -5.07 -0.46
C TRP A 4 3.09 -4.49 -1.68
N LYS A 5 2.71 -3.27 -2.10
CA LYS A 5 3.20 -2.62 -3.32
C LYS A 5 4.48 -1.84 -3.01
N CYS A 6 4.33 -0.88 -2.10
CA CYS A 6 5.35 0.07 -1.69
C CYS A 6 5.98 -0.31 -0.31
N GLY A 7 5.16 -0.78 0.64
CA GLY A 7 5.58 -1.10 2.00
C GLY A 7 5.06 -0.16 3.11
N LYS A 8 4.05 0.67 2.81
CA LYS A 8 3.32 1.55 3.74
C LYS A 8 2.08 0.90 4.33
N GLU A 9 2.17 0.57 5.61
CA GLU A 9 1.08 0.05 6.45
C GLU A 9 -0.18 0.88 6.51
N GLY A 10 -0.05 2.15 6.17
CA GLY A 10 -1.14 3.08 6.14
C GLY A 10 -2.26 2.77 5.13
N HIS A 11 -2.05 1.81 4.22
CA HIS A 11 -2.99 1.38 3.18
C HIS A 11 -2.70 -0.06 2.68
N GLN A 12 -3.08 -0.41 1.45
CA GLN A 12 -2.75 -1.71 0.84
C GLN A 12 -2.46 -1.67 -0.66
N MET A 13 -3.38 -1.13 -1.46
CA MET A 13 -3.24 -0.95 -2.91
C MET A 13 -4.06 0.23 -3.38
N LYS A 14 -5.37 0.26 -3.09
CA LYS A 14 -6.33 1.33 -3.47
C LYS A 14 -5.74 2.75 -3.38
N ASP A 15 -5.10 2.96 -2.25
CA ASP A 15 -4.69 4.22 -1.65
C ASP A 15 -3.17 4.40 -1.72
N CYS A 16 -2.47 3.39 -2.23
CA CYS A 16 -1.08 3.51 -2.60
C CYS A 16 -0.98 4.52 -3.77
N THR A 17 0.22 5.02 -4.04
CA THR A 17 0.48 5.79 -5.28
C THR A 17 0.77 4.84 -6.45
N GLU A 18 1.01 3.55 -6.17
CA GLU A 18 1.55 2.56 -7.09
C GLU A 18 0.96 1.14 -6.97
N ARG A 19 -0.04 0.87 -7.82
CA ARG A 19 -0.66 -0.46 -8.11
C ARG A 19 -1.46 -1.08 -6.97
N LYS A 1 -1.13 -7.37 6.69
CA LYS A 1 -0.66 -6.45 7.74
C LYS A 1 -0.50 -5.00 7.25
N GLY A 2 0.19 -4.75 6.13
CA GLY A 2 0.42 -3.41 5.54
C GLY A 2 0.48 -3.44 4.00
N CYS A 3 0.78 -2.31 3.36
CA CYS A 3 0.95 -2.21 1.90
C CYS A 3 1.99 -3.21 1.38
N TRP A 4 1.60 -3.92 0.32
CA TRP A 4 2.44 -4.88 -0.40
C TRP A 4 3.23 -4.19 -1.52
N LYS A 5 2.73 -3.05 -2.01
CA LYS A 5 3.28 -2.36 -3.18
C LYS A 5 4.58 -1.63 -2.83
N CYS A 6 4.47 -0.71 -1.88
CA CYS A 6 5.52 0.19 -1.44
C CYS A 6 6.05 -0.13 -0.03
N GLY A 7 5.29 -0.87 0.77
CA GLY A 7 5.70 -1.28 2.13
C GLY A 7 5.26 -0.32 3.24
N LYS A 8 4.23 0.50 2.99
CA LYS A 8 3.70 1.55 3.86
C LYS A 8 2.34 1.18 4.44
N GLU A 9 2.33 0.89 5.71
CA GLU A 9 1.12 0.46 6.40
C GLU A 9 0.06 1.56 6.47
N GLY A 10 -1.17 1.16 6.80
CA GLY A 10 -2.33 2.05 6.79
C GLY A 10 -2.97 2.22 5.40
N HIS A 11 -2.42 1.56 4.37
CA HIS A 11 -3.01 1.37 3.05
C HIS A 11 -2.57 0.04 2.40
N GLN A 12 -2.93 -0.17 1.13
CA GLN A 12 -2.51 -1.34 0.34
C GLN A 12 -2.32 -1.06 -1.16
N MET A 13 -3.33 -0.56 -1.88
CA MET A 13 -3.24 -0.23 -3.32
C MET A 13 -4.13 0.95 -3.74
N LYS A 14 -5.42 0.92 -3.35
CA LYS A 14 -6.42 2.01 -3.54
C LYS A 14 -5.93 3.40 -3.19
N ASP A 15 -5.06 3.37 -2.19
CA ASP A 15 -4.59 4.46 -1.39
C ASP A 15 -3.06 4.61 -1.51
N CYS A 16 -2.44 3.70 -2.27
CA CYS A 16 -1.04 3.69 -2.64
C CYS A 16 -0.86 4.54 -3.91
N THR A 17 0.40 4.76 -4.30
CA THR A 17 0.74 5.37 -5.60
C THR A 17 0.90 4.32 -6.72
N GLU A 18 0.71 3.04 -6.41
CA GLU A 18 1.06 1.89 -7.27
C GLU A 18 -0.10 0.86 -7.39
N ARG A 19 -0.22 0.22 -8.57
CA ARG A 19 -1.14 -0.90 -8.99
C ARG A 19 -1.46 -1.94 -7.93
N LYS A 1 -1.18 -7.39 6.64
CA LYS A 1 -0.87 -6.37 7.68
C LYS A 1 -0.65 -4.94 7.14
N GLY A 2 0.15 -4.71 6.09
CA GLY A 2 0.47 -3.39 5.51
C GLY A 2 0.76 -3.44 4.00
N CYS A 3 0.89 -2.29 3.34
CA CYS A 3 1.02 -2.16 1.88
C CYS A 3 2.06 -3.09 1.24
N TRP A 4 1.58 -3.95 0.34
CA TRP A 4 2.40 -4.91 -0.40
C TRP A 4 3.15 -4.26 -1.56
N LYS A 5 2.67 -3.08 -2.02
CA LYS A 5 3.18 -2.36 -3.19
C LYS A 5 4.44 -1.57 -2.86
N CYS A 6 4.32 -0.67 -1.89
CA CYS A 6 5.38 0.28 -1.52
C CYS A 6 6.04 -0.03 -0.17
N GLY A 7 5.34 -0.72 0.73
CA GLY A 7 5.84 -1.09 2.07
C GLY A 7 5.42 -0.14 3.19
N LYS A 8 4.30 0.57 3.01
CA LYS A 8 3.74 1.58 3.92
C LYS A 8 2.39 1.19 4.48
N GLU A 9 2.39 0.89 5.76
CA GLU A 9 1.19 0.49 6.47
C GLU A 9 0.09 1.55 6.46
N GLY A 10 -1.12 1.12 6.80
CA GLY A 10 -2.33 1.93 6.80
C GLY A 10 -3.12 1.86 5.48
N HIS A 11 -2.46 1.48 4.37
CA HIS A 11 -3.05 1.29 3.05
C HIS A 11 -2.56 0.00 2.37
N GLN A 12 -2.98 -0.24 1.12
CA GLN A 12 -2.54 -1.40 0.36
C GLN A 12 -2.37 -1.19 -1.15
N MET A 13 -3.40 -0.70 -1.84
CA MET A 13 -3.37 -0.48 -3.31
C MET A 13 -4.22 0.72 -3.72
N LYS A 14 -5.47 0.85 -3.24
CA LYS A 14 -6.34 2.04 -3.47
C LYS A 14 -5.59 3.35 -3.33
N ASP A 15 -4.99 3.43 -2.16
CA ASP A 15 -4.46 4.60 -1.47
C ASP A 15 -2.95 4.69 -1.70
N CYS A 16 -2.37 3.63 -2.26
CA CYS A 16 -0.99 3.59 -2.65
C CYS A 16 -0.79 4.43 -3.93
N THR A 17 0.45 4.79 -4.20
CA THR A 17 0.82 5.39 -5.50
C THR A 17 0.94 4.31 -6.60
N GLU A 18 0.68 3.02 -6.32
CA GLU A 18 0.96 1.89 -7.20
C GLU A 18 -0.12 0.78 -7.24
N ARG A 19 -0.22 0.17 -8.43
CA ARG A 19 -1.06 -0.91 -9.02
C ARG A 19 -1.32 -2.19 -8.21
#